data_1NJM
#
_entry.id   1NJM
#
_cell.length_a   169.6
_cell.length_b   409.4
_cell.length_c   695.1
_cell.angle_alpha   90.
_cell.angle_beta   90.
_cell.angle_gamma   90.
#
_symmetry.space_group_name_H-M   'I 2 2 2'
#
loop_
_entity.id
_entity.type
_entity.pdbx_description
1 polymer '23S ribosomal RNA'
2 polymer 'tRNA acceptor stem mimic'
3 polymer '50S ribosomal protein L16'
4 polymer 'GENERAL STRESS PROTEIN CTC'
5 non-polymer SPARSOMYCIN
#
loop_
_entity_poly.entity_id
_entity_poly.type
_entity_poly.pdbx_seq_one_letter_code
_entity_poly.pdbx_strand_id
1 'polyribonucleotide'
;GGUCAAGAUAGUAAGGGUCCACGGUGGAUGCCCUGGCGCUGGAGCCGAUGAAGGACGCGAUUACCUGCGAAAAGCCCCGA
CGAGCUGGAGAUACGCUUUGACUCGGGGAUGUCCGAAUGGGGAAACCCACCUCGUAAGAGGUAUCCGCAAGGAUGGGAAC
UCAGGGAACUGAAACAUCUCAGUACCUGAAGGAGAAGAAAGAGAAUUCGAUUCCGUUAGUAGCGGCGAGCGAACCCGGAU
CAGCCCAAACCGAAACGCUUGCGUUUCGGGGUUGUAGGACCAGUUUUUAAGAUUCAACCCCUCAAGCCGAAGUGGCUGGA
AAGCUACACCUCAGAAGGUGAGAGUCCUGUAGGCGAACGAGCGGUUGACUGUACUGGCACCUGAGUAGGUCGUUGUUCGU
GAAACGAUGACUGAAUCCGCGCGGACCACCGCGCAAGGCUAAAUACUCCCAGUGACCGAUAGCGCAUAGUACCGUGAGGG
AAAGGUGAAAAGAACCCCGGGAGGGGAGUGAAAGAGAACCUGAAACCGUGGACUUACAAGCAGUCAUGGCACCUUAUGCG
UGUUAUGGCGUGCCUAUUGAAGCAUGAGCCGGCGACUUAGACCUGACGUGCGAGCUUAAGUUGAAAAACGGAGGCGGAGC
GAAAGCGAGUCCGAAUAGGGCGGCAUUAGUACGUCGGGCUAGACUCGAAACCAGGUGAGCUAAGCAUGACCAGGUUGAAA
CCCCCGUGACAGGGGGCGGAGGACCGAACCGGUGCCUGCUGAAACAGUCUCGGAUGAGUUGUGUUUAGGAGUGAAAAGCU
AACCGAACCUGGAGAUAGCUAGUUCUCCCCGAAAUGUAUUGAGGUACAGCCUCGGAUGUUGACCAUGUCCUGUAGAGCAC
UCACAAGGCUAGGGGGCCUACCAGCUUACCAAACCUUAUGAAACUCCGAAGGGGCACGCGUUUAGUCCGGGAGUGAGGCU
GCGAGAGCUAACUUCCGUAGCCGAGAGGGAAACAACCCAGACCAUCAGCUAAGGUCCCUAAAUGAUCGCUCAGUGGUUAA
GGAUGUGUCGUCGCAUAGACAGCCAGGAGGUUGGCUUAGAAGCAGCCACCCUUCAAAGAGUGCGUAAUAGCUCACUGGUC
GAGUGACGAUGCGCCGAAAAUGAUCGGGGCUCAAGUGAUCUACCGAAGCUAUGGAUUCAACUCGCGAAGCGAGUUGUCUG
GUAGGGGAGCGUUCAGUCCGCGGAGAAGCCAUACCGGAAGGAGUGGUGGAGCCGACUGAAGUGCGGAUGCCGGCAUGAGU
AACGAUAAAAGAAGUGAGAAUCUUCUUCGCCGUAAGGACAAGGGUUCCUGGGGAAGGGUCGUCCGCCCAGGGAAAGUCGG
GACCUAAGGUGAGGCCGAACGGCGCAGCCGAUGGACAGCAGGUCAAGAUUCCUGCACCGAUCAUGUGGAGUGAUGGAGGG
ACGCAUUACGCUAUCCAAUGCCAAGCUAUGGCUAUGCUGGUUGGUACGCUCAAGGGCGAUCGGGUCAGAAAAUCUACCGG
UCACAUGCCUCAGACGUAUCGGGAGCUUCCUCGGAAGCGAAGUUGGAAACGCGACGGUGCCAAGAAAAGCUUCUAAACGU
UGAAACAUGAUUGCCCGUACCGCAAACCGACACAGGUGUCCGAGUGUCAAUGCACUAAGGCGCGCGAGAGAACCCUCGUU
AAGGAACUUUGCAAUCUCACCCCGUAACUUCGGAAGAAGGGGUCCCCACGCUUCGCGUGGGGCGCAGUGAAUAGGCCCAG
GCGACUGUUUACCAAAAUCACAGCACUCUGCCAACACGAACAGUGGACGUAUAGGGUGUGACGCCUGCCCGGUGCCGGAA
GGUCAAGUGGAGCGGUGCAAGCUGCGAAAUGAAGCCCCGGUGAACGGCGGCCGUAACUAUAACGGUCCUAAGGUAGCGAA
AUUCCUUGUCGGGUAAGUUCCGACCUGCACGAAAGGCGUAACGAUCUGGGCGCUGUCUCAACGAGGGACUCGGUGAAAUU
GAAUUGGCUGUAAAGAUGCGGCCUACCCGUAGCAGGACGAAAAGACCCCGUGGAGCUUUACUAUAGUCUGGCAUUGGGAU
UCGGGUUUCUCUGCGUAGGAUAGGUGGGAGCCUGCGAAACUGGCCUUUUGGGGUCGGUGGAGGCAACGGUGAAAUACCAC
CCUGAGAAACUUGGAUUUCUAACCUGAAAAAUCACUUUCGGGGACCGUGCUUGGCGGGUAGUUUGACUGGGGCGGUCGCC
UCCCAAAAUGUAACGGAGGCGCCCAAAGGUCACCUCAAGACGGUUGGAAAUCGUCUGUAGAGCGCAAAGGUAGAAGGUGG
CUUGACUGCGAGACUGACACGUCGAGCAGGGAGGAAACUCGGGCUUAGUGAACCGGUGGUACCGUGUGGAAGGGCCAUCG
AUCAACGGAUAAAAGUUACCCCGGGGAUAACAGGCUGAUCUCCCCCGAGAGUCCAUAUCGGCGGGGAGGUUUGGCACCUC
GAUGUCGGCUCGUCGCAUCCUGGGGCUGAAGAAGGUCCCAAGGGUUGGGCUGUUCGCCCAUUAAAGCGGCACGCGAGCUG
GGUUCAGAACGUCGUGAGACAGUUCGGUCUCUAUCCGCUACGGGCGCAGGAGAAUUGAGGGGAGUUGCUCCUAGUACGAG
AGGACCGGAGUGAACGGACCGCUGGUCUCCCUGCUGUCGUACCAACGGCACAUGCAGGGUAGCUAUGUCCGGAACGGAUA
ACCGCUGAAAGCAUCUAAGCGGGAAGCCAGCCCCAAGAUGAGUUCUCCCACUGUUUAUCAGGUAAGACUCCCGGAAGACC
ACCGGGUUAAGAGGCCAGGCGUGCACGCAUAGCAAUGUGUUCAGCGGACUGGUGCUCAUCAGUCGAGGUCUUGACCACUC
;
0
2 'polyribonucleotide' GGGGCUAAGCGGUUCGAUCCCGCUUAGCUCCACC(PPU) 5
3 'polypeptide(L)'
;MLLPKRTKFRKQFRGRMTGDAKGGDYVAFGDYGLIAMEPAWIKSNQIEACRIVMSRHFRRGGKIYIRIFPDKPVTKKPAE
TRMGKGKGAVEYWVSVVKPGRVMFEVAGVTEEQAKEAFRLAGHKLPIQTKMVKREVYDEAQ
;
K
4 'polypeptide(L)'
;MELTAKPRTPKQKLDESMIAAVAYNKENNVSFALDRKAFDRAFRQQSTTGLFDITVEGGETFPALVKAVQMDKRKRAPIH
VDFYMVTYGEPVEVSVPVHTTGRSQGEVQGGLVDIVVHNLQIVAPGPRRIPQELVVDVTKMNIGDHITAGDIKLPEGCTL
AADPELTVVSVLPPRLTAEELEAEVQAAQVAGLVAAGELSEEAAEAVLEGDASLEEVKAEASEDNAGTDSEDNSDAQ
;
T
#
# COMPACT_ATOMS: atom_id res chain seq x y z
CA THR C 7 0.40 -1.04 -19.90
CA LYS C 8 -2.14 1.59 -21.09
CA PHE C 9 -5.76 1.32 -22.30
CA ARG C 10 -7.04 -0.07 -25.63
CA LYS C 11 -9.50 2.75 -26.37
CA GLN C 12 -8.62 6.31 -25.25
CA PHE C 13 -8.11 9.85 -26.59
CA ARG C 14 -4.64 11.29 -27.26
CA GLY C 15 -3.90 14.63 -25.59
CA ARG C 16 -4.44 15.11 -21.81
CA MET C 17 -3.72 18.04 -19.46
CA THR C 18 -0.22 18.69 -18.06
CA GLY C 19 0.19 19.87 -14.47
CA ASP C 20 1.17 18.42 -11.08
CA ALA C 21 -1.22 19.09 -8.19
CA LYS C 22 -1.71 17.98 -4.56
CA GLY C 23 -4.30 15.25 -3.95
CA GLY C 24 -5.93 14.07 -0.73
CA ASP C 25 -5.63 10.30 -1.15
CA TYR C 26 -3.77 7.93 1.19
CA VAL C 27 -4.22 4.16 1.63
CA ALA C 28 -2.22 1.45 3.42
CA PHE C 29 -4.27 -1.73 2.73
CA GLY C 30 -2.56 -5.15 2.93
CA ASP C 31 0.95 -3.79 2.29
CA TYR C 32 3.92 -2.43 4.27
CA GLY C 33 4.36 0.98 2.63
CA LEU C 34 6.35 2.40 -0.34
CA ILE C 35 4.94 5.74 -1.56
CA ALA C 36 5.97 9.15 -2.93
CA MET C 37 6.59 12.19 -0.69
CA GLU C 38 6.55 15.02 -3.25
CA PRO C 39 4.67 15.60 -6.54
CA ALA C 40 6.35 13.77 -9.44
CA TRP C 41 5.21 12.33 -12.78
CA ILE C 42 5.81 8.63 -13.53
CA LYS C 43 6.42 7.30 -17.05
CA SER C 44 5.05 4.14 -18.74
CA ASN C 45 8.54 2.66 -19.29
CA GLN C 46 9.69 3.47 -15.74
CA ILE C 47 6.64 1.84 -14.11
CA GLU C 48 7.03 -1.45 -16.02
CA ALA C 49 10.75 -1.79 -15.15
CA CYS C 50 10.20 -1.13 -11.42
CA ARG C 51 7.33 -3.64 -11.11
CA ILE C 52 9.37 -6.44 -12.72
CA VAL C 53 12.38 -5.91 -10.41
CA MET C 54 10.34 -5.78 -7.18
CA SER C 55 8.53 -9.05 -8.00
CA ARG C 56 11.44 -11.24 -9.18
CA HIS C 57 14.36 -10.03 -7.03
CA PHE C 58 12.51 -9.84 -3.69
CA ARG C 59 10.75 -13.17 -2.99
CA ARG C 60 10.39 -16.72 -4.37
CA GLY C 61 6.72 -16.56 -5.37
CA GLY C 62 4.63 -13.86 -3.70
CA LYS C 63 1.84 -11.47 -4.68
CA ILE C 64 2.43 -8.00 -6.17
CA TYR C 65 -0.01 -5.21 -7.08
CA ILE C 66 0.21 -1.66 -8.45
CA ARG C 67 -2.24 1.13 -7.53
CA ILE C 68 -0.79 3.83 -9.80
CA PHE C 69 -1.26 3.18 -13.53
CA PRO C 70 -1.24 5.07 -16.87
CA ASP C 71 -4.21 7.46 -17.04
CA LYS C 72 -2.81 10.55 -18.79
CA PRO C 73 -1.11 10.64 -22.21
CA VAL C 74 2.07 12.62 -22.93
CA THR C 75 2.66 13.85 -26.50
CA LYS C 76 6.24 13.37 -27.75
CA LYS C 77 7.81 15.29 -30.66
CA PRO C 78 9.69 14.00 -33.73
CA ALA C 79 13.38 14.18 -34.78
CA GLU C 80 13.00 17.42 -36.77
CA THR C 81 11.59 20.45 -34.91
CA ARG C 82 8.90 22.84 -36.24
CA MET C 83 6.70 20.82 -38.64
CA GLY C 84 3.38 20.42 -36.83
CA LYS C 85 2.10 20.25 -33.25
CA GLY C 86 0.67 16.89 -32.18
CA LYS C 87 2.24 13.53 -33.05
CA GLY C 88 2.01 9.92 -31.80
CA ALA C 89 2.43 8.96 -28.13
CA VAL C 90 5.37 6.78 -27.05
CA GLU C 91 5.24 7.07 -23.25
CA TYR C 92 2.18 7.78 -21.08
CA TRP C 93 2.30 10.00 -17.97
CA VAL C 94 0.71 9.46 -14.52
CA SER C 95 -0.51 11.72 -11.70
CA VAL C 96 0.76 11.05 -8.16
CA VAL C 97 1.23 13.10 -4.97
CA LYS C 98 0.88 10.85 -1.89
CA PRO C 99 -0.49 7.64 -3.47
CA GLY C 100 1.28 4.27 -3.45
CA ARG C 101 3.29 3.30 -6.54
CA VAL C 102 4.35 -0.21 -5.49
CA MET C 103 2.56 -2.54 -3.05
CA PHE C 104 3.92 -5.83 -1.67
CA GLU C 105 2.92 -8.11 1.24
CA VAL C 106 6.08 -10.17 2.02
CA ALA C 107 7.32 -11.49 5.41
CA GLY C 108 10.39 -9.35 6.08
CA VAL C 109 11.89 -8.28 2.74
CA THR C 110 10.14 -4.89 2.38
CA GLU C 111 13.34 -2.93 3.18
CA GLU C 112 15.35 -4.62 0.39
CA GLN C 113 12.61 -4.14 -2.24
CA ALA C 114 12.31 -0.41 -1.47
CA LYS C 115 15.98 0.24 -2.35
CA GLU C 116 15.65 -1.09 -5.93
CA ALA C 117 12.39 0.79 -6.59
CA PHE C 118 13.88 4.12 -5.39
CA ARG C 119 16.44 4.31 -8.22
CA LEU C 120 13.76 3.79 -10.89
CA ALA C 121 11.08 6.03 -9.31
CA GLY C 122 11.73 9.60 -10.46
CA HIS C 123 12.65 12.29 -7.93
CA LYS C 124 11.28 11.44 -4.47
CA LEU C 125 10.67 8.05 -2.81
CA PRO C 126 10.04 7.12 0.84
CA ILE C 127 9.49 3.86 2.76
CA GLN C 128 6.91 3.38 5.53
CA THR C 129 6.05 0.68 8.08
CA LYS C 130 2.50 -0.65 8.70
CA MET D 1 -4.53 12.33 28.33
CA GLU D 2 -5.09 15.69 30.07
CA LEU D 3 -6.61 18.93 28.75
CA THR D 4 -5.87 22.48 29.95
CA ALA D 5 -7.29 25.02 27.47
CA LYS D 6 -9.71 25.03 24.52
CA PRO D 7 -9.73 27.56 21.65
CA ARG D 8 -11.99 28.15 18.64
CA THR D 9 -9.37 30.17 16.70
CA PRO D 10 -7.00 28.74 14.05
CA LYS D 11 -3.97 30.78 15.20
CA GLN D 12 -4.22 29.64 18.85
CA LYS D 13 -4.62 25.96 17.82
CA LEU D 14 -1.15 25.51 16.29
CA ASP D 15 2.00 27.06 17.80
CA GLU D 16 4.76 24.44 18.19
CA SER D 17 3.44 21.03 19.29
CA MET D 18 -0.29 21.65 19.85
CA ILE D 19 -2.94 20.21 17.49
CA ALA D 20 -6.69 20.79 16.94
CA ALA D 21 -9.37 18.22 17.83
CA VAL D 22 -13.19 18.02 18.01
CA ALA D 23 -15.81 15.75 19.62
CA TYR D 24 -19.27 14.97 18.20
CA ASN D 25 -22.11 13.81 20.48
CA LYS D 26 -25.89 14.14 21.02
CA GLU D 27 -27.11 17.47 22.49
CA ASN D 28 -23.50 18.50 23.30
CA ASN D 29 -20.75 19.88 21.05
CA VAL D 30 -17.38 21.28 22.18
CA SER D 31 -13.81 21.65 20.87
CA PHE D 32 -10.74 20.06 22.47
CA ALA D 33 -6.95 20.55 22.36
CA LEU D 34 -4.26 17.83 22.53
CA ASP D 35 -0.48 17.49 22.01
CA ARG D 36 1.14 15.72 19.02
CA LYS D 37 3.94 14.22 21.15
CA ALA D 38 1.57 12.57 23.66
CA PHE D 39 -0.82 11.25 20.99
CA ASP D 40 2.03 9.55 19.08
CA ARG D 41 2.84 7.04 21.85
CA ALA D 42 -0.82 6.34 22.72
CA PHE D 43 -1.70 5.48 19.10
CA ARG D 44 0.88 2.64 18.98
CA GLN D 45 -0.64 0.61 21.84
CA GLN D 46 -4.34 1.25 21.18
CA SER D 47 -5.96 2.21 17.86
CA THR D 48 -9.73 1.98 18.48
CA THR D 49 -10.24 -1.15 20.63
CA GLY D 50 -8.69 0.23 23.82
CA LEU D 51 -10.55 3.08 25.53
CA PHE D 52 -8.71 5.66 27.65
CA ASP D 53 -10.07 8.09 30.26
CA ILE D 54 -9.65 11.83 29.59
CA THR D 55 -9.31 14.35 32.43
CA VAL D 56 -10.72 17.88 32.25
CA GLU D 57 -9.66 21.01 34.18
CA GLY D 58 -12.43 21.26 36.77
CA GLY D 59 -15.35 19.16 35.56
CA GLU D 60 -16.54 15.67 34.57
CA THR D 61 -14.46 12.87 33.01
CA PHE D 62 -15.59 10.86 29.96
CA PRO D 63 -14.02 8.27 27.63
CA ALA D 64 -13.79 8.89 23.87
CA LEU D 65 -12.59 6.63 21.03
CA VAL D 66 -11.54 7.42 17.44
CA LYS D 67 -13.80 6.21 14.62
CA ALA D 68 -12.74 8.32 11.62
CA VAL D 69 -9.11 9.27 10.92
CA GLN D 70 -7.76 11.74 8.34
CA MET D 71 -4.25 11.49 6.86
CA ASP D 72 -1.98 14.21 5.43
CA LYS D 73 -0.85 14.74 1.81
CA ARG D 74 2.84 15.26 2.69
CA LYS D 75 3.78 13.83 6.11
CA ARG D 76 2.94 10.52 7.85
CA ALA D 77 1.30 12.35 10.80
CA PRO D 78 -2.49 12.67 11.12
CA ILE D 79 -4.20 16.09 11.01
CA HIS D 80 -7.52 16.73 12.82
CA VAL D 81 -8.96 13.71 14.66
CA ASP D 82 -12.68 13.14 15.29
CA PHE D 83 -13.84 11.69 18.61
CA TYR D 84 -17.06 9.72 19.24
CA MET D 85 -18.50 10.74 24.49
CA VAL D 86 -20.18 7.52 25.65
CA THR D 87 -23.06 7.48 28.15
CA TYR D 88 -25.53 4.86 26.88
CA GLY D 89 -25.01 1.11 26.40
CA GLU D 90 -25.50 1.07 22.61
CA PRO D 91 -22.97 1.58 19.79
CA VAL D 92 -23.57 2.62 16.17
CA GLU D 93 -20.37 1.62 14.32
CA VAL D 94 -17.06 0.13 15.52
CA SER D 95 -14.00 -0.95 13.53
CA VAL D 96 -12.13 -4.08 14.64
CA PRO D 97 -8.67 -5.15 13.40
CA VAL D 98 -7.94 -8.77 12.44
CA HIS D 99 -4.71 -10.39 13.66
CA THR D 100 -3.22 -13.69 12.45
CA THR D 101 -1.45 -16.04 14.89
CA GLY D 102 0.05 -19.42 13.97
CA ARG D 103 1.50 -21.00 10.81
CA SER D 104 -0.60 -22.84 8.20
CA GLN D 105 0.05 -26.42 7.00
CA GLY D 106 -0.66 -25.64 3.35
CA GLU D 107 1.57 -22.55 3.26
CA VAL D 108 4.92 -24.35 3.72
CA GLN D 109 3.80 -27.26 1.51
CA GLY D 110 4.55 -25.42 -1.74
CA GLY D 111 3.29 -21.84 -1.67
CA LEU D 112 3.51 -18.44 0.03
CA VAL D 113 1.85 -16.22 2.67
CA ASP D 114 -1.88 -15.38 2.62
CA ILE D 115 -2.95 -11.85 1.63
CA VAL D 116 -5.94 -10.05 3.16
CA VAL D 117 -8.44 -7.94 1.17
CA HIS D 118 -9.85 -5.97 4.12
CA ASN D 119 -8.28 -5.33 7.55
CA LEU D 120 -11.13 -3.37 9.16
CA GLN D 121 -14.55 -5.05 9.45
CA ILE D 122 -17.96 -3.82 10.68
CA VAL D 123 -19.19 -5.38 13.94
CA ALA D 124 -21.84 -4.41 16.52
CA PRO D 125 -21.09 -4.20 20.25
CA GLY D 126 -23.22 -5.18 23.25
CA PRO D 127 -23.19 -3.30 26.56
CA ARG D 128 -20.00 -1.19 26.90
CA ARG D 129 -17.81 -4.19 25.92
CA ILE D 130 -15.66 -4.46 22.78
CA PRO D 131 -13.43 -7.22 21.35
CA GLN D 132 -9.70 -6.61 20.74
CA GLU D 133 -8.45 -9.97 19.42
CA LEU D 134 -10.44 -12.31 17.15
CA VAL D 135 -9.53 -15.69 15.62
CA VAL D 136 -10.12 -16.28 11.90
CA ASP D 137 -7.72 -19.06 10.89
CA VAL D 138 -7.35 -22.36 12.80
CA THR D 139 -6.83 -25.34 10.46
CA LYS D 140 -6.67 -26.24 6.72
CA MET D 141 -5.52 -23.67 4.13
CA ASN D 142 -4.85 -25.30 0.73
CA ILE D 143 -5.38 -24.31 -2.93
CA GLY D 144 -9.05 -24.05 -3.88
CA ASP D 145 -10.41 -23.49 -0.36
CA HIS D 146 -11.31 -20.05 1.03
CA ILE D 147 -12.34 -18.66 4.45
CA THR D 148 -15.79 -17.07 4.84
CA ALA D 149 -17.22 -14.48 7.26
CA GLY D 150 -19.75 -16.91 8.74
CA ASP D 151 -17.06 -19.36 9.90
CA ILE D 152 -15.62 -16.93 12.47
CA LYS D 153 -16.55 -17.07 16.18
CA LEU D 154 -18.02 -14.28 18.34
CA PRO D 155 -18.18 -13.84 22.14
CA GLU D 156 -20.83 -11.14 22.69
CA GLY D 157 -23.08 -9.16 20.34
CA CYS D 158 -24.63 -10.55 17.14
CA THR D 159 -23.90 -8.94 13.76
CA LEU D 160 -26.54 -8.59 11.01
CA ALA D 161 -24.77 -6.03 8.77
CA ALA D 162 -22.10 -8.48 7.54
CA ASP D 163 -22.72 -10.84 4.59
CA PRO D 164 -22.00 -14.59 4.46
CA GLU D 165 -20.88 -14.44 0.81
CA LEU D 166 -18.04 -11.98 1.54
CA THR D 167 -14.52 -13.23 2.33
CA VAL D 168 -11.90 -11.62 4.61
CA VAL D 169 -8.91 -13.94 4.10
CA SER D 170 -8.12 -15.71 0.82
CA VAL D 171 -5.27 -18.05 -0.16
CA LEU D 172 -3.51 -17.49 -3.50
CA PRO D 173 -1.56 -20.03 -5.60
CA PRO D 174 0.91 -19.72 -8.51
CA ARG D 175 0.32 -17.35 -11.46
CA LEU D 176 1.76 -19.54 -14.24
CA THR D 177 1.98 -23.22 -13.20
CA ALA D 178 4.25 -24.38 -10.34
CA GLU D 179 7.96 -24.11 -11.20
CA GLU D 180 7.75 -21.82 -14.27
CA LEU D 181 9.27 -18.86 -12.34
CA GLU D 182 12.82 -20.32 -12.50
CA ALA D 183 12.64 -20.73 -16.30
CA GLU D 184 11.73 -17.07 -16.94
CA VAL D 185 14.60 -15.78 -14.76
CA GLN D 186 17.30 -17.83 -16.54
CA ALA D 187 16.24 -16.52 -19.97
CA ALA D 188 16.41 -12.87 -18.83
CA GLN D 189 19.89 -13.27 -17.29
CA VAL D 190 21.40 -14.66 -20.51
CA ALA D 191 19.82 -12.02 -22.78
CA GLY D 192 20.90 -9.06 -20.63
CA LEU D 193 24.65 -9.81 -20.71
CA VAL D 194 24.59 -10.21 -24.51
CA ALA D 195 22.81 -6.86 -25.02
CA ALA D 196 25.29 -5.07 -22.72
CA GLY D 197 27.97 -4.85 -25.41
CA GLU D 198 28.44 -6.74 -28.68
CA LEU D 199 27.36 -10.35 -27.87
CA SER D 200 28.89 -12.52 -25.13
CA GLU D 201 28.94 -15.63 -27.36
CA GLU D 202 30.63 -13.88 -30.32
CA ALA D 203 33.24 -11.71 -28.54
CA ALA D 204 35.70 -14.61 -28.17
CA GLU D 205 35.69 -15.48 -31.89
CA ALA D 206 35.94 -11.90 -33.19
CA VAL D 207 38.82 -10.50 -31.09
CA LEU D 208 41.43 -13.27 -30.81
CA GLU D 209 40.94 -16.91 -31.89
CA GLY D 210 42.04 -17.19 -35.51
CA ASP D 211 42.86 -15.34 -38.74
CA ALA D 212 40.00 -16.46 -41.01
CA SER D 213 37.28 -14.93 -38.79
CA LEU D 214 35.62 -11.63 -39.80
CA GLU D 215 33.00 -10.64 -37.20
CA GLU D 216 30.05 -13.02 -36.70
CA VAL D 217 30.37 -16.83 -36.52
CA LYS D 218 28.38 -18.20 -33.56
CA ALA D 219 25.77 -15.42 -33.24
CA GLU D 220 22.13 -16.42 -32.51
CA ALA D 221 22.71 -20.21 -32.64
CA SER D 222 20.78 -22.91 -30.77
CA GLU D 223 22.56 -25.34 -28.42
#